data_1V4T
#
_entry.id   1V4T
#
_cell.length_a   103.180
_cell.length_b   103.180
_cell.length_c   281.020
_cell.angle_alpha   90.00
_cell.angle_beta   90.00
_cell.angle_gamma   120.00
#
_symmetry.space_group_name_H-M   'P 65 2 2'
#
loop_
_entity.id
_entity.type
_entity.pdbx_description
1 polymer 'glucokinase isoform 2'
2 non-polymer 'SULFATE ION'
3 non-polymer 'SODIUM ION'
4 water water
#
_entity_poly.entity_id   1
_entity_poly.type   'polypeptide(L)'
_entity_poly.pdbx_seq_one_letter_code
;MVEQILAEFQLQEEDLKKVMRRMQKEMDRGLRLETHEEASVKMLPTYVRSTPEGSEVGDFLSLDLGGTNFRVMLVKVGEG
EEGQWSVKTKHQMYSIPEDAMTGTAEMLFDYISECISDFLDKHQMKHKKLPLGFTFSFPVRHEDIDKGILLNWTKGFKAS
GAEGNNVVGLLRDAIKRRGDFEMDVVAMVNDTVATMISCYYEDHQCEVGMIVGTGCNACYMEEMQNVELVEGDEGRMCVN
TEWGAFGDSGELDEFLLEYDRLVDESSANPGQQLYEKLIGGKYMGELVRLVLLRLVDENLLFHGEASEQLRTRGAFETRF
VSQVESDTGDRKQIYNILSTLGLRPSTTDCDIVRRACESVSTRAAHMCSAGLAGVINRMRESRSEDVMRITVGVDGSVYK
LHPSFKERFHASVRRLTPSCEITFIESEEGSGRGAALVSAVACKKACMLGQ
;
_entity_poly.pdbx_strand_id   A
#
# COMPACT_ATOMS: atom_id res chain seq x y z
N MET A 1 2.06 18.12 -33.74
CA MET A 1 2.15 19.14 -32.66
C MET A 1 2.38 18.49 -31.28
N VAL A 2 2.10 19.23 -30.22
CA VAL A 2 2.28 18.72 -28.86
C VAL A 2 0.94 18.50 -28.17
N GLU A 3 0.14 19.57 -28.06
CA GLU A 3 -1.18 19.49 -27.44
C GLU A 3 -1.91 18.21 -27.85
N GLN A 4 -1.61 17.75 -29.06
CA GLN A 4 -2.24 16.55 -29.59
C GLN A 4 -1.66 15.35 -28.85
N ILE A 5 -0.33 15.23 -28.83
CA ILE A 5 0.33 14.11 -28.15
C ILE A 5 -0.06 13.92 -26.70
N LEU A 6 0.32 14.87 -25.84
CA LEU A 6 -0.03 14.78 -24.43
C LEU A 6 -1.50 14.50 -24.24
N ALA A 7 -2.29 14.89 -25.24
CA ALA A 7 -3.72 14.69 -25.19
C ALA A 7 -4.08 13.22 -25.00
N GLU A 8 -3.23 12.34 -25.51
CA GLU A 8 -3.46 10.91 -25.38
C GLU A 8 -3.48 10.43 -23.95
N PHE A 9 -3.05 11.28 -23.02
CA PHE A 9 -3.04 10.91 -21.62
C PHE A 9 -4.34 11.27 -20.93
N GLN A 10 -5.18 12.05 -21.61
CA GLN A 10 -6.46 12.45 -21.03
C GLN A 10 -7.21 11.23 -20.51
N LEU A 11 -8.19 11.45 -19.63
CA LEU A 11 -9.02 10.39 -19.08
C LEU A 11 -10.27 11.06 -18.52
N GLN A 12 -11.28 11.16 -19.36
CA GLN A 12 -12.54 11.81 -19.01
C GLN A 12 -13.37 10.95 -18.06
N GLU A 13 -14.37 11.58 -17.46
CA GLU A 13 -15.30 10.95 -16.51
C GLU A 13 -15.60 9.50 -16.87
N GLU A 14 -16.24 9.29 -17.99
CA GLU A 14 -16.60 7.96 -18.46
C GLU A 14 -15.43 6.99 -18.26
N ASP A 15 -14.28 7.33 -18.86
CA ASP A 15 -13.06 6.53 -18.79
C ASP A 15 -12.80 5.99 -17.40
N LEU A 16 -12.83 6.88 -16.41
CA LEU A 16 -12.62 6.49 -15.04
C LEU A 16 -13.67 5.47 -14.64
N LYS A 17 -14.94 5.89 -14.65
CA LYS A 17 -16.06 5.04 -14.25
C LYS A 17 -15.86 3.61 -14.72
N LYS A 18 -15.42 3.45 -15.97
CA LYS A 18 -15.21 2.13 -16.52
C LYS A 18 -14.17 1.39 -15.68
N VAL A 19 -13.05 2.07 -15.43
CA VAL A 19 -11.98 1.49 -14.64
C VAL A 19 -12.51 1.18 -13.25
N MET A 20 -13.19 2.15 -12.67
CA MET A 20 -13.78 1.99 -11.35
C MET A 20 -14.64 0.75 -11.31
N ARG A 21 -15.33 0.47 -12.41
CA ARG A 21 -16.19 -0.69 -12.46
C ARG A 21 -15.36 -1.96 -12.60
N ARG A 22 -14.56 -2.02 -13.66
CA ARG A 22 -13.71 -3.18 -13.93
C ARG A 22 -12.86 -3.59 -12.71
N MET A 23 -12.68 -2.67 -11.76
CA MET A 23 -11.93 -2.96 -10.55
C MET A 23 -12.84 -3.78 -9.65
N GLN A 24 -14.03 -3.25 -9.36
CA GLN A 24 -14.95 -3.97 -8.52
C GLN A 24 -15.23 -5.32 -9.14
N LYS A 25 -15.24 -5.40 -10.45
CA LYS A 25 -15.51 -6.68 -11.11
C LYS A 25 -14.42 -7.64 -10.71
N GLU A 26 -13.25 -7.09 -10.41
CA GLU A 26 -12.08 -7.90 -10.02
C GLU A 26 -11.99 -8.18 -8.53
N MET A 27 -12.44 -7.24 -7.72
CA MET A 27 -12.41 -7.43 -6.28
C MET A 27 -13.25 -8.64 -5.88
N ASP A 28 -14.42 -8.80 -6.50
CA ASP A 28 -15.28 -9.93 -6.17
C ASP A 28 -14.68 -11.19 -6.73
N ARG A 29 -14.11 -11.07 -7.92
CA ARG A 29 -13.51 -12.21 -8.56
C ARG A 29 -12.43 -12.83 -7.66
N GLY A 30 -11.65 -11.99 -6.98
CA GLY A 30 -10.59 -12.48 -6.11
C GLY A 30 -11.09 -12.88 -4.73
N LEU A 31 -12.19 -12.28 -4.33
CA LEU A 31 -12.82 -12.56 -3.06
C LEU A 31 -13.66 -13.83 -3.11
N ARG A 32 -13.98 -14.29 -4.32
CA ARG A 32 -14.79 -15.49 -4.48
C ARG A 32 -13.94 -16.76 -4.46
N LEU A 33 -14.30 -17.68 -3.56
CA LEU A 33 -13.57 -18.93 -3.40
C LEU A 33 -13.37 -19.72 -4.70
N GLU A 34 -14.39 -19.77 -5.53
CA GLU A 34 -14.26 -20.53 -6.78
C GLU A 34 -13.14 -20.02 -7.67
N THR A 35 -12.76 -18.75 -7.49
CA THR A 35 -11.71 -18.16 -8.33
C THR A 35 -10.60 -17.37 -7.62
N HIS A 36 -10.68 -17.29 -6.29
CA HIS A 36 -9.67 -16.55 -5.53
C HIS A 36 -8.26 -16.89 -5.95
N GLU A 37 -8.05 -18.05 -6.54
CA GLU A 37 -6.71 -18.40 -6.92
C GLU A 37 -6.27 -17.90 -8.29
N GLU A 38 -7.06 -18.22 -9.31
CA GLU A 38 -6.74 -17.80 -10.67
C GLU A 38 -7.03 -16.32 -10.89
N ALA A 39 -7.57 -15.67 -9.86
CA ALA A 39 -7.89 -14.25 -9.94
C ALA A 39 -6.69 -13.38 -10.25
N SER A 40 -6.93 -12.10 -10.45
CA SER A 40 -5.83 -11.21 -10.77
C SER A 40 -5.47 -10.38 -9.55
N VAL A 41 -6.50 -9.83 -8.91
CA VAL A 41 -6.33 -9.01 -7.72
C VAL A 41 -6.49 -9.89 -6.49
N LYS A 42 -5.44 -10.65 -6.15
CA LYS A 42 -5.48 -11.57 -5.02
C LYS A 42 -6.51 -11.35 -3.91
N MET A 43 -6.73 -10.10 -3.51
CA MET A 43 -7.68 -9.80 -2.42
C MET A 43 -7.48 -10.78 -1.26
N LEU A 44 -6.28 -10.74 -0.69
CA LEU A 44 -5.92 -11.63 0.41
C LEU A 44 -6.46 -11.15 1.76
N PRO A 45 -7.01 -12.09 2.54
CA PRO A 45 -7.58 -11.88 3.87
C PRO A 45 -6.43 -11.63 4.87
N THR A 46 -6.58 -10.63 5.72
CA THR A 46 -5.54 -10.28 6.67
C THR A 46 -5.82 -10.76 8.06
N TYR A 47 -7.10 -10.98 8.33
CA TYR A 47 -7.55 -11.40 9.67
C TYR A 47 -7.35 -10.37 10.74
N VAL A 48 -7.25 -9.11 10.33
CA VAL A 48 -7.10 -8.02 11.27
C VAL A 48 -8.55 -7.56 11.44
N ARG A 49 -9.44 -8.53 11.45
CA ARG A 49 -10.88 -8.33 11.57
C ARG A 49 -11.35 -7.69 12.85
N SER A 50 -12.67 -7.52 12.92
CA SER A 50 -13.35 -6.97 14.08
C SER A 50 -14.77 -7.53 14.05
N THR A 51 -14.95 -8.62 14.79
CA THR A 51 -16.22 -9.33 14.88
C THR A 51 -16.73 -9.40 16.32
N PRO A 52 -18.01 -9.76 16.49
CA PRO A 52 -18.71 -9.89 17.77
C PRO A 52 -18.04 -10.86 18.72
N GLU A 53 -17.07 -11.63 18.22
CA GLU A 53 -16.38 -12.57 19.06
C GLU A 53 -15.50 -11.82 20.07
N GLY A 54 -15.09 -10.60 19.73
CA GLY A 54 -14.25 -9.81 20.63
C GLY A 54 -13.05 -9.23 19.92
N SER A 55 -12.73 -9.84 18.78
CA SER A 55 -11.60 -9.43 17.96
C SER A 55 -11.72 -7.97 17.54
N GLU A 56 -10.67 -7.20 17.77
CA GLU A 56 -10.67 -5.80 17.38
C GLU A 56 -9.53 -5.49 16.40
N VAL A 57 -9.70 -4.41 15.63
CA VAL A 57 -8.68 -4.04 14.67
C VAL A 57 -7.34 -3.75 15.32
N GLY A 58 -7.32 -2.90 16.34
CA GLY A 58 -6.05 -2.63 17.01
C GLY A 58 -5.33 -3.87 17.56
N ASP A 59 -6.04 -4.96 17.79
CA ASP A 59 -5.43 -6.18 18.31
C ASP A 59 -4.24 -6.51 17.46
N PHE A 60 -3.16 -6.98 18.08
CA PHE A 60 -1.94 -7.28 17.32
C PHE A 60 -0.88 -7.96 18.20
N LEU A 61 -0.07 -8.81 17.58
CA LEU A 61 0.96 -9.52 18.33
C LEU A 61 2.27 -9.41 17.59
N SER A 62 3.17 -8.57 18.10
CA SER A 62 4.46 -8.37 17.48
C SER A 62 5.51 -9.26 18.07
N LEU A 63 6.46 -9.60 17.24
CA LEU A 63 7.49 -10.49 17.68
C LEU A 63 8.84 -9.95 17.26
N ASP A 64 9.63 -9.49 18.23
CA ASP A 64 10.96 -8.98 17.89
C ASP A 64 12.03 -9.99 18.27
N LEU A 65 12.71 -10.54 17.28
CA LEU A 65 13.73 -11.49 17.61
C LEU A 65 15.05 -10.97 17.07
N GLY A 66 16.00 -10.77 17.98
CA GLY A 66 17.30 -10.27 17.59
C GLY A 66 18.37 -10.66 18.59
N GLY A 67 19.23 -11.58 18.19
CA GLY A 67 20.30 -12.01 19.07
C GLY A 67 19.98 -13.28 19.79
N THR A 68 20.26 -13.28 21.10
CA THR A 68 19.99 -14.45 21.94
C THR A 68 18.75 -14.14 22.76
N ASN A 69 18.18 -12.97 22.52
CA ASN A 69 16.99 -12.57 23.23
C ASN A 69 15.90 -12.02 22.32
N PHE A 70 14.78 -12.74 22.24
CA PHE A 70 13.62 -12.32 21.46
C PHE A 70 12.45 -12.09 22.41
N ARG A 71 11.80 -10.93 22.29
CA ARG A 71 10.66 -10.59 23.15
C ARG A 71 9.37 -10.34 22.39
N VAL A 72 8.25 -10.75 22.95
CA VAL A 72 6.97 -10.55 22.27
C VAL A 72 6.21 -9.37 22.87
N MET A 73 5.24 -8.87 22.13
CA MET A 73 4.44 -7.74 22.58
C MET A 73 3.00 -7.99 22.24
N LEU A 74 2.11 -7.78 23.20
CA LEU A 74 0.72 -8.00 22.94
C LEU A 74 -0.05 -6.71 22.90
N VAL A 75 -1.04 -6.63 22.01
CA VAL A 75 -1.86 -5.42 21.90
C VAL A 75 -3.29 -5.81 21.62
N LYS A 76 -4.21 -5.36 22.47
CA LYS A 76 -5.63 -5.65 22.29
C LYS A 76 -6.48 -4.44 22.64
N VAL A 77 -7.40 -4.10 21.75
CA VAL A 77 -8.27 -2.96 21.96
C VAL A 77 -9.39 -3.27 22.95
N GLY A 78 -9.63 -2.33 23.86
CA GLY A 78 -10.67 -2.49 24.86
C GLY A 78 -11.66 -1.34 24.86
N GLU A 79 -12.60 -1.36 25.80
CA GLU A 79 -13.61 -0.32 25.89
C GLU A 79 -13.31 0.67 27.02
N GLY A 80 -13.10 0.19 28.24
CA GLY A 80 -12.80 1.08 29.36
C GLY A 80 -13.92 1.22 30.37
N GLU A 81 -13.59 1.70 31.57
CA GLU A 81 -14.57 1.87 32.66
C GLU A 81 -15.75 2.77 32.27
N GLU A 82 -15.66 3.36 31.08
CA GLU A 82 -16.69 4.26 30.58
C GLU A 82 -17.26 3.78 29.24
N GLY A 83 -16.54 2.90 28.57
CA GLY A 83 -17.00 2.40 27.29
C GLY A 83 -16.35 3.27 26.21
N GLN A 84 -15.28 3.95 26.60
CA GLN A 84 -14.50 4.85 25.74
C GLN A 84 -13.82 4.07 24.62
N TRP A 85 -12.51 3.86 24.77
CA TRP A 85 -11.67 3.12 23.81
C TRP A 85 -10.30 3.01 24.47
N SER A 86 -9.77 1.80 24.56
CA SER A 86 -8.47 1.63 25.19
C SER A 86 -7.61 0.70 24.41
N VAL A 87 -6.34 0.66 24.78
CA VAL A 87 -5.35 -0.18 24.13
C VAL A 87 -4.29 -0.64 25.10
N LYS A 88 -4.56 -1.73 25.82
CA LYS A 88 -3.58 -2.25 26.75
C LYS A 88 -2.41 -2.86 26.00
N THR A 89 -1.26 -2.84 26.65
CA THR A 89 -0.05 -3.38 26.06
C THR A 89 0.62 -4.29 27.08
N LYS A 90 1.17 -5.41 26.62
CA LYS A 90 1.81 -6.38 27.51
C LYS A 90 3.14 -6.92 26.95
N HIS A 91 4.26 -6.60 27.60
CA HIS A 91 5.57 -7.09 27.12
C HIS A 91 6.16 -8.26 27.90
N GLN A 92 6.86 -9.13 27.19
CA GLN A 92 7.46 -10.29 27.80
C GLN A 92 8.69 -10.66 26.97
N MET A 93 9.84 -10.81 27.64
CA MET A 93 11.09 -11.15 26.95
C MET A 93 11.59 -12.55 27.25
N TYR A 94 11.67 -13.39 26.23
CA TYR A 94 12.14 -14.75 26.43
C TYR A 94 13.61 -14.84 26.04
N SER A 95 14.34 -15.74 26.69
CA SER A 95 15.75 -15.91 26.38
C SER A 95 15.97 -17.30 25.80
N ILE A 96 16.71 -17.34 24.70
CA ILE A 96 16.98 -18.58 24.01
C ILE A 96 18.12 -19.38 24.63
N PRO A 97 17.84 -20.59 25.14
CA PRO A 97 18.85 -21.46 25.76
C PRO A 97 20.05 -21.60 24.82
N GLU A 98 21.23 -21.83 25.40
CA GLU A 98 22.47 -21.97 24.63
C GLU A 98 22.39 -23.17 23.67
N ASP A 99 21.84 -24.28 24.15
CA ASP A 99 21.70 -25.50 23.35
C ASP A 99 20.68 -25.31 22.21
N ALA A 100 20.07 -24.14 22.17
CA ALA A 100 19.06 -23.81 21.16
C ALA A 100 19.53 -22.72 20.19
N MET A 101 20.15 -21.68 20.75
CA MET A 101 20.66 -20.57 19.95
C MET A 101 21.71 -21.06 18.96
N THR A 102 22.49 -22.06 19.35
CA THR A 102 23.54 -22.64 18.49
C THR A 102 23.05 -23.88 17.78
N GLY A 103 21.72 -23.98 17.62
CA GLY A 103 21.13 -25.12 16.94
C GLY A 103 20.73 -24.79 15.51
N THR A 104 19.65 -25.40 15.03
CA THR A 104 19.15 -25.19 13.68
C THR A 104 17.85 -24.40 13.67
N ALA A 105 17.55 -23.78 12.54
CA ALA A 105 16.33 -22.98 12.38
C ALA A 105 15.17 -23.75 12.97
N GLU A 106 15.06 -25.01 12.57
CA GLU A 106 13.99 -25.87 13.04
C GLU A 106 13.92 -25.79 14.54
N MET A 107 15.04 -26.11 15.19
CA MET A 107 15.11 -26.09 16.64
C MET A 107 14.82 -24.74 17.24
N LEU A 108 15.45 -23.71 16.68
CA LEU A 108 15.30 -22.35 17.17
C LEU A 108 13.83 -21.95 17.28
N PHE A 109 13.12 -22.13 16.18
CA PHE A 109 11.72 -21.78 16.15
C PHE A 109 10.83 -22.69 17.00
N ASP A 110 11.17 -23.98 17.05
CA ASP A 110 10.42 -24.89 17.88
C ASP A 110 10.25 -24.26 19.25
N TYR A 111 11.28 -23.52 19.65
CA TYR A 111 11.28 -22.84 20.94
C TYR A 111 10.34 -21.66 20.88
N ILE A 112 10.60 -20.75 19.95
CA ILE A 112 9.79 -19.56 19.82
C ILE A 112 8.34 -19.94 19.80
N SER A 113 8.04 -21.06 19.16
CA SER A 113 6.68 -21.51 19.07
C SER A 113 6.13 -21.72 20.48
N GLU A 114 6.70 -22.70 21.19
CA GLU A 114 6.28 -23.01 22.55
C GLU A 114 6.08 -21.77 23.39
N CYS A 115 7.08 -20.90 23.38
CA CYS A 115 7.00 -19.67 24.15
C CYS A 115 5.73 -18.91 23.83
N ILE A 116 5.49 -18.64 22.55
CA ILE A 116 4.31 -17.91 22.10
C ILE A 116 3.09 -18.64 22.66
N SER A 117 2.95 -19.92 22.32
CA SER A 117 1.84 -20.70 22.80
C SER A 117 1.65 -20.45 24.28
N ASP A 118 2.73 -20.58 25.03
CA ASP A 118 2.63 -20.34 26.46
C ASP A 118 2.09 -18.93 26.72
N PHE A 119 2.84 -17.94 26.23
CA PHE A 119 2.50 -16.52 26.38
C PHE A 119 1.04 -16.22 26.12
N LEU A 120 0.52 -16.73 25.02
CA LEU A 120 -0.88 -16.50 24.70
C LEU A 120 -1.70 -17.19 25.77
N ASP A 121 -1.35 -18.44 26.08
CA ASP A 121 -2.10 -19.16 27.10
C ASP A 121 -2.21 -18.37 28.40
N LYS A 122 -1.10 -17.80 28.87
CA LYS A 122 -1.07 -17.05 30.12
C LYS A 122 -1.93 -15.79 30.08
N HIS A 123 -2.28 -15.32 28.88
CA HIS A 123 -3.11 -14.13 28.74
C HIS A 123 -4.46 -14.43 28.12
N GLN A 124 -4.80 -15.71 28.08
CA GLN A 124 -6.06 -16.13 27.50
C GLN A 124 -6.26 -15.60 26.08
N MET A 125 -5.23 -15.74 25.25
CA MET A 125 -5.32 -15.30 23.87
C MET A 125 -4.98 -16.46 22.94
N LYS A 126 -5.36 -17.64 23.40
CA LYS A 126 -5.11 -18.86 22.68
C LYS A 126 -6.26 -19.17 21.72
N HIS A 127 -5.88 -19.59 20.51
CA HIS A 127 -6.81 -19.95 19.45
C HIS A 127 -7.53 -18.72 18.92
N LYS A 128 -7.19 -17.57 19.47
CA LYS A 128 -7.82 -16.33 19.04
C LYS A 128 -7.49 -15.98 17.60
N LYS A 129 -6.45 -16.59 17.05
CA LYS A 129 -6.07 -16.28 15.68
C LYS A 129 -5.96 -14.76 15.47
N LEU A 130 -4.81 -14.20 15.85
CA LEU A 130 -4.54 -12.77 15.75
C LEU A 130 -3.29 -12.46 14.92
N PRO A 131 -3.24 -11.24 14.34
CA PRO A 131 -2.17 -10.69 13.50
C PRO A 131 -0.80 -10.79 14.16
N LEU A 132 0.16 -11.29 13.40
CA LEU A 132 1.51 -11.47 13.95
C LEU A 132 2.61 -10.66 13.28
N GLY A 133 3.20 -9.72 14.02
CA GLY A 133 4.25 -8.90 13.45
C GLY A 133 5.66 -9.37 13.70
N PHE A 134 6.60 -8.94 12.87
CA PHE A 134 7.99 -9.33 13.01
C PHE A 134 8.97 -8.17 12.99
N THR A 135 9.79 -8.05 14.01
CA THR A 135 10.80 -7.01 14.07
C THR A 135 12.15 -7.63 14.32
N PHE A 136 13.19 -6.88 13.97
CA PHE A 136 14.53 -7.38 14.16
C PHE A 136 15.48 -6.38 14.80
N SER A 137 16.09 -6.82 15.91
CA SER A 137 17.04 -6.00 16.66
C SER A 137 18.40 -6.69 16.67
N PHE A 138 19.44 -5.90 16.83
CA PHE A 138 20.81 -6.42 16.82
C PHE A 138 21.62 -5.95 18.02
N PRO A 139 22.05 -6.89 18.88
CA PRO A 139 22.85 -6.63 20.08
C PRO A 139 24.17 -6.01 19.70
N VAL A 140 24.61 -5.04 20.48
CA VAL A 140 25.89 -4.40 20.23
C VAL A 140 26.55 -4.06 21.55
N ARG A 141 27.66 -4.73 21.86
CA ARG A 141 28.39 -4.50 23.11
C ARG A 141 28.64 -3.02 23.43
N HIS A 142 28.84 -2.72 24.72
CA HIS A 142 29.06 -1.35 25.16
C HIS A 142 30.35 -0.74 24.62
N ASN A 166 12.73 -17.85 5.27
CA ASN A 166 11.96 -16.74 5.85
C ASN A 166 11.34 -17.14 7.18
N VAL A 167 11.37 -16.23 8.15
CA VAL A 167 10.81 -16.52 9.47
C VAL A 167 9.37 -16.97 9.42
N VAL A 168 8.53 -16.09 8.90
CA VAL A 168 7.11 -16.37 8.80
C VAL A 168 6.83 -17.83 8.46
N GLY A 169 7.60 -18.41 7.54
CA GLY A 169 7.41 -19.79 7.20
C GLY A 169 7.90 -20.72 8.30
N LEU A 170 9.18 -20.60 8.67
CA LEU A 170 9.75 -21.44 9.73
C LEU A 170 8.82 -21.52 10.92
N LEU A 171 8.28 -20.38 11.34
CA LEU A 171 7.35 -20.36 12.46
C LEU A 171 6.12 -21.25 12.18
N ARG A 172 5.56 -21.14 10.99
CA ARG A 172 4.40 -21.95 10.64
C ARG A 172 4.74 -23.41 10.86
N ASP A 173 5.83 -23.86 10.23
CA ASP A 173 6.24 -25.27 10.35
C ASP A 173 6.28 -25.74 11.79
N ALA A 174 6.91 -24.93 12.63
CA ALA A 174 7.03 -25.24 14.04
C ALA A 174 5.64 -25.39 14.64
N ILE A 175 4.86 -24.31 14.55
CA ILE A 175 3.49 -24.29 15.05
C ILE A 175 2.77 -25.53 14.55
N LYS A 176 3.03 -25.86 13.29
CA LYS A 176 2.45 -27.02 12.65
C LYS A 176 2.99 -28.26 13.35
N ARG A 177 4.31 -28.37 13.51
CA ARG A 177 4.89 -29.55 14.15
C ARG A 177 4.22 -29.91 15.47
N ARG A 178 3.95 -28.93 16.31
CA ARG A 178 3.32 -29.13 17.62
C ARG A 178 2.17 -30.13 17.66
N GLY A 179 1.62 -30.47 16.50
CA GLY A 179 0.52 -31.41 16.45
C GLY A 179 -0.80 -30.86 16.96
N ASP A 180 -0.75 -29.67 17.57
CA ASP A 180 -1.96 -29.04 18.14
C ASP A 180 -2.69 -28.07 17.23
N PHE A 181 -3.76 -27.49 17.77
CA PHE A 181 -4.56 -26.54 17.01
C PHE A 181 -3.71 -25.43 16.44
N GLU A 182 -3.79 -25.27 15.13
CA GLU A 182 -3.03 -24.26 14.43
C GLU A 182 -3.87 -22.99 14.31
N MET A 183 -4.28 -22.44 15.44
CA MET A 183 -5.14 -21.26 15.39
C MET A 183 -4.65 -20.06 16.21
N ASP A 184 -3.39 -20.10 16.60
CA ASP A 184 -2.79 -19.04 17.43
C ASP A 184 -2.58 -17.71 16.72
N VAL A 185 -1.69 -17.71 15.74
CA VAL A 185 -1.35 -16.49 15.00
C VAL A 185 -1.68 -16.55 13.51
N VAL A 186 -1.34 -15.48 12.80
CA VAL A 186 -1.56 -15.39 11.38
C VAL A 186 -0.64 -14.27 10.96
N ALA A 187 0.18 -14.61 9.99
CA ALA A 187 1.17 -13.69 9.46
C ALA A 187 0.59 -12.38 9.03
N MET A 188 1.34 -11.32 9.27
CA MET A 188 0.92 -10.01 8.84
C MET A 188 2.18 -9.22 8.64
N VAL A 189 2.52 -8.99 7.37
CA VAL A 189 3.72 -8.28 7.03
C VAL A 189 3.45 -7.14 6.08
N ASN A 190 2.29 -7.13 5.46
CA ASN A 190 2.03 -6.07 4.50
C ASN A 190 2.13 -4.68 5.15
N ASP A 191 2.93 -3.81 4.54
CA ASP A 191 3.11 -2.45 5.08
C ASP A 191 1.83 -1.62 5.06
N THR A 192 0.97 -1.93 4.10
CA THR A 192 -0.29 -1.23 3.94
C THR A 192 -1.23 -1.48 5.10
N VAL A 193 -1.47 -2.76 5.39
CA VAL A 193 -2.34 -3.12 6.50
C VAL A 193 -1.96 -2.26 7.71
N ALA A 194 -0.68 -2.26 8.03
CA ALA A 194 -0.15 -1.51 9.16
C ALA A 194 -0.43 0.00 9.06
N THR A 195 -0.59 0.47 7.83
CA THR A 195 -0.88 1.87 7.59
C THR A 195 -2.29 2.08 8.08
N MET A 196 -3.14 1.13 7.75
CA MET A 196 -4.51 1.26 8.18
C MET A 196 -4.43 1.16 9.70
N ILE A 197 -4.10 -0.03 10.22
CA ILE A 197 -4.01 -0.26 11.67
C ILE A 197 -3.35 0.91 12.41
N SER A 198 -2.27 1.42 11.83
CA SER A 198 -1.59 2.54 12.41
C SER A 198 -2.57 3.70 12.53
N CYS A 199 -3.18 4.09 11.42
CA CYS A 199 -4.09 5.24 11.47
C CYS A 199 -5.27 5.00 12.37
N TYR A 200 -5.75 3.76 12.41
CA TYR A 200 -6.87 3.40 13.25
C TYR A 200 -6.70 3.94 14.68
N TYR A 201 -5.55 3.71 15.28
CA TYR A 201 -5.30 4.19 16.64
C TYR A 201 -5.54 5.68 16.76
N GLU A 202 -5.09 6.45 15.78
CA GLU A 202 -5.29 7.89 15.83
C GLU A 202 -6.74 8.24 15.57
N ASP A 203 -7.22 7.79 14.42
CA ASP A 203 -8.59 8.02 13.99
C ASP A 203 -9.33 6.70 13.90
N HIS A 204 -10.12 6.38 14.92
CA HIS A 204 -10.83 5.12 14.92
C HIS A 204 -11.91 5.05 13.86
N GLN A 205 -11.81 5.88 12.83
CA GLN A 205 -12.78 5.89 11.77
C GLN A 205 -12.12 5.46 10.47
N CYS A 206 -10.81 5.23 10.55
CA CYS A 206 -10.01 4.81 9.40
C CYS A 206 -10.29 3.35 9.05
N GLU A 207 -10.81 3.09 7.85
CA GLU A 207 -11.10 1.70 7.45
C GLU A 207 -10.51 1.37 6.09
N VAL A 208 -9.62 2.24 5.62
CA VAL A 208 -9.00 2.01 4.34
C VAL A 208 -7.56 2.44 4.34
N GLY A 209 -6.67 1.48 4.13
CA GLY A 209 -5.26 1.78 4.10
C GLY A 209 -4.77 1.85 2.67
N MET A 210 -3.79 2.71 2.42
CA MET A 210 -3.26 2.85 1.08
C MET A 210 -1.82 3.42 1.01
N ILE A 211 -0.98 2.76 0.22
CA ILE A 211 0.42 3.15 0.04
C ILE A 211 0.81 3.48 -1.41
N VAL A 212 0.78 4.76 -1.73
CA VAL A 212 1.11 5.22 -3.08
C VAL A 212 2.50 5.84 -3.16
N GLY A 213 3.51 5.00 -3.31
CA GLY A 213 4.86 5.51 -3.41
C GLY A 213 5.57 4.82 -4.56
N THR A 214 6.75 4.30 -4.29
CA THR A 214 7.49 3.62 -5.33
C THR A 214 6.52 2.69 -6.09
N GLY A 215 5.67 1.97 -5.35
CA GLY A 215 4.69 1.09 -5.97
C GLY A 215 3.33 1.54 -5.43
N CYS A 216 2.25 0.83 -5.75
CA CYS A 216 0.92 1.20 -5.24
C CYS A 216 0.09 0.03 -4.73
N ASN A 217 -0.51 0.19 -3.56
CA ASN A 217 -1.32 -0.89 -3.02
C ASN A 217 -2.30 -0.39 -1.96
N ALA A 218 -3.41 -1.11 -1.79
CA ALA A 218 -4.41 -0.70 -0.81
C ALA A 218 -5.18 -1.82 -0.18
N CYS A 219 -5.93 -1.49 0.85
CA CYS A 219 -6.73 -2.48 1.55
C CYS A 219 -7.92 -1.77 2.20
N TYR A 220 -8.98 -2.51 2.50
CA TYR A 220 -10.15 -1.93 3.13
C TYR A 220 -10.77 -2.93 4.09
N MET A 221 -11.85 -2.52 4.73
CA MET A 221 -12.59 -3.34 5.69
C MET A 221 -13.75 -4.03 5.01
N GLU A 222 -13.54 -5.22 4.47
CA GLU A 222 -14.62 -5.92 3.80
C GLU A 222 -15.56 -6.58 4.81
N GLU A 223 -16.73 -7.01 4.36
CA GLU A 223 -17.65 -7.66 5.28
C GLU A 223 -17.28 -9.12 5.36
N MET A 224 -17.32 -9.66 6.58
CA MET A 224 -16.99 -11.06 6.81
C MET A 224 -17.72 -11.97 5.83
N GLN A 225 -18.98 -11.65 5.58
CA GLN A 225 -19.81 -12.42 4.68
C GLN A 225 -19.44 -12.27 3.21
N ASN A 226 -18.24 -11.78 2.92
CA ASN A 226 -17.82 -11.58 1.54
C ASN A 226 -16.50 -12.28 1.24
N VAL A 227 -15.75 -12.54 2.30
CA VAL A 227 -14.47 -13.21 2.17
C VAL A 227 -14.80 -14.69 2.17
N GLU A 228 -14.88 -15.27 0.99
CA GLU A 228 -15.20 -16.68 0.95
C GLU A 228 -14.14 -17.57 1.55
N LEU A 229 -12.94 -17.04 1.75
CA LEU A 229 -11.90 -17.87 2.32
C LEU A 229 -12.12 -18.08 3.81
N VAL A 230 -12.57 -17.05 4.51
CA VAL A 230 -12.81 -17.13 5.94
C VAL A 230 -14.09 -17.88 6.26
N GLU A 231 -14.11 -18.56 7.40
CA GLU A 231 -15.28 -19.33 7.82
C GLU A 231 -16.40 -18.45 8.35
N GLY A 232 -16.04 -17.47 9.19
CA GLY A 232 -17.02 -16.57 9.78
C GLY A 232 -17.83 -15.75 8.80
N ASP A 233 -18.96 -15.22 9.26
CA ASP A 233 -19.82 -14.44 8.39
C ASP A 233 -20.29 -13.14 9.00
N GLU A 234 -20.14 -13.00 10.30
CA GLU A 234 -20.61 -11.77 10.90
C GLU A 234 -19.47 -10.86 11.34
N GLY A 235 -19.51 -9.63 10.86
CA GLY A 235 -18.50 -8.67 11.22
C GLY A 235 -17.71 -8.18 10.01
N ARG A 236 -16.74 -7.32 10.25
CA ARG A 236 -15.90 -6.79 9.17
C ARG A 236 -14.41 -7.15 9.41
N MET A 237 -13.68 -7.42 8.33
CA MET A 237 -12.26 -7.78 8.35
C MET A 237 -11.49 -7.08 7.23
N CYS A 238 -10.32 -6.56 7.53
CA CYS A 238 -9.50 -5.87 6.52
C CYS A 238 -9.07 -6.82 5.40
N VAL A 239 -8.94 -6.31 4.19
CA VAL A 239 -8.51 -7.14 3.08
C VAL A 239 -7.44 -6.48 2.24
N ASN A 240 -6.39 -7.23 1.98
CA ASN A 240 -5.28 -6.75 1.20
C ASN A 240 -5.61 -7.06 -0.26
N THR A 241 -5.72 -6.00 -1.04
CA THR A 241 -6.07 -6.14 -2.44
C THR A 241 -4.91 -6.56 -3.31
N GLU A 242 -3.81 -5.85 -3.16
CA GLU A 242 -2.62 -6.12 -3.96
C GLU A 242 -3.14 -5.80 -5.33
N TRP A 243 -3.83 -4.67 -5.45
CA TRP A 243 -4.36 -4.28 -6.72
C TRP A 243 -3.28 -3.89 -7.72
N GLY A 244 -2.02 -3.90 -7.31
CA GLY A 244 -0.98 -3.56 -8.25
C GLY A 244 -1.06 -4.47 -9.47
N ALA A 245 -1.58 -5.69 -9.26
CA ALA A 245 -1.69 -6.65 -10.36
C ALA A 245 -2.89 -6.41 -11.25
N PHE A 246 -3.75 -5.50 -10.85
CA PHE A 246 -4.93 -5.21 -11.64
C PHE A 246 -4.54 -4.98 -13.07
N GLY A 247 -5.38 -5.47 -13.98
CA GLY A 247 -5.10 -5.30 -15.39
C GLY A 247 -4.06 -6.25 -15.95
N ASP A 248 -3.51 -7.12 -15.10
CA ASP A 248 -2.51 -8.06 -15.60
C ASP A 248 -3.22 -9.05 -16.52
N SER A 249 -4.55 -9.04 -16.45
CA SER A 249 -5.42 -9.89 -17.26
C SER A 249 -6.13 -9.04 -18.30
N GLY A 250 -5.39 -8.17 -18.96
CA GLY A 250 -5.96 -7.31 -19.97
C GLY A 250 -7.04 -6.34 -19.52
N GLU A 251 -7.49 -6.44 -18.26
CA GLU A 251 -8.54 -5.54 -17.76
C GLU A 251 -8.35 -4.06 -18.09
N LEU A 252 -7.16 -3.69 -18.55
CA LEU A 252 -6.88 -2.29 -18.87
C LEU A 252 -6.20 -2.14 -20.21
N ASP A 253 -6.01 -3.27 -20.89
CA ASP A 253 -5.35 -3.30 -22.20
C ASP A 253 -5.73 -2.13 -23.12
N GLU A 254 -6.99 -1.70 -23.05
CA GLU A 254 -7.41 -0.61 -23.91
C GLU A 254 -7.26 0.76 -23.28
N PHE A 255 -6.33 0.88 -22.35
CA PHE A 255 -6.11 2.17 -21.72
C PHE A 255 -4.66 2.51 -21.71
N LEU A 256 -3.82 1.51 -21.98
CA LEU A 256 -2.37 1.71 -22.01
C LEU A 256 -1.88 2.50 -23.21
N LEU A 257 -0.70 3.09 -23.09
CA LEU A 257 -0.12 3.84 -24.19
C LEU A 257 1.19 3.26 -24.63
N GLU A 258 1.69 3.74 -25.77
CA GLU A 258 2.94 3.24 -26.30
C GLU A 258 4.04 3.30 -25.25
N TYR A 259 4.06 4.37 -24.46
CA TYR A 259 5.09 4.54 -23.44
C TYR A 259 4.97 3.49 -22.34
N ASP A 260 3.81 3.44 -21.70
CA ASP A 260 3.58 2.47 -20.65
C ASP A 260 3.95 1.10 -21.15
N ARG A 261 3.77 0.88 -22.44
CA ARG A 261 4.11 -0.42 -22.97
C ARG A 261 5.61 -0.60 -22.94
N LEU A 262 6.35 0.30 -23.56
CA LEU A 262 7.82 0.23 -23.58
C LEU A 262 8.33 -0.09 -22.17
N VAL A 263 7.63 0.45 -21.18
CA VAL A 263 7.99 0.23 -19.78
C VAL A 263 7.70 -1.21 -19.41
N ASP A 264 6.40 -1.54 -19.33
CA ASP A 264 5.96 -2.90 -18.98
C ASP A 264 6.76 -3.94 -19.73
N GLU A 265 7.15 -3.60 -20.96
CA GLU A 265 7.90 -4.52 -21.78
C GLU A 265 9.41 -4.26 -21.70
N SER A 266 9.87 -3.77 -20.55
CA SER A 266 11.29 -3.51 -20.39
C SER A 266 11.67 -3.69 -18.93
N SER A 267 10.67 -4.04 -18.13
CA SER A 267 10.84 -4.26 -16.71
C SER A 267 11.22 -5.71 -16.48
N ALA A 268 11.82 -5.99 -15.31
CA ALA A 268 12.23 -7.34 -14.98
C ALA A 268 11.02 -8.25 -14.74
N ASN A 269 9.82 -7.70 -14.85
CA ASN A 269 8.58 -8.45 -14.63
C ASN A 269 7.55 -8.14 -15.70
N PRO A 270 7.87 -8.40 -16.97
CA PRO A 270 6.95 -8.12 -18.07
C PRO A 270 5.53 -8.70 -17.93
N GLY A 271 4.53 -7.90 -18.26
CA GLY A 271 3.16 -8.38 -18.18
C GLY A 271 2.63 -8.47 -16.76
N GLN A 272 3.53 -8.42 -15.79
CA GLN A 272 3.13 -8.50 -14.39
C GLN A 272 3.03 -7.10 -13.79
N GLN A 273 2.11 -6.92 -12.85
CA GLN A 273 1.88 -5.63 -12.18
C GLN A 273 1.75 -4.47 -13.17
N LEU A 274 0.61 -4.37 -13.86
CA LEU A 274 0.45 -3.30 -14.83
C LEU A 274 -0.20 -2.09 -14.23
N TYR A 275 -1.21 -2.31 -13.42
CA TYR A 275 -1.88 -1.21 -12.79
C TYR A 275 -0.83 -0.40 -12.04
N GLU A 276 0.10 -1.11 -11.38
CA GLU A 276 1.17 -0.44 -10.61
C GLU A 276 2.01 0.43 -11.54
N LYS A 277 2.49 -0.19 -12.61
CA LYS A 277 3.31 0.48 -13.61
C LYS A 277 2.56 1.61 -14.28
N LEU A 278 1.57 2.14 -13.58
CA LEU A 278 0.78 3.21 -14.12
C LEU A 278 0.65 4.34 -13.08
N ILE A 279 0.65 3.95 -11.80
CA ILE A 279 0.54 4.90 -10.69
C ILE A 279 1.90 5.06 -10.02
N GLY A 280 2.46 3.92 -9.62
CA GLY A 280 3.74 3.89 -8.93
C GLY A 280 4.85 4.81 -9.39
N GLY A 281 5.29 5.66 -8.46
CA GLY A 281 6.38 6.56 -8.77
C GLY A 281 7.64 5.77 -9.08
N LYS A 282 7.54 4.47 -9.36
CA LYS A 282 8.76 3.73 -9.67
C LYS A 282 9.08 3.88 -11.14
N TYR A 283 8.08 4.25 -11.91
CA TYR A 283 8.28 4.41 -13.34
C TYR A 283 7.79 5.75 -13.80
N MET A 284 7.05 6.43 -12.93
CA MET A 284 6.52 7.73 -13.26
C MET A 284 7.57 8.55 -14.00
N GLY A 285 8.72 8.74 -13.38
CA GLY A 285 9.78 9.50 -14.00
C GLY A 285 10.14 8.99 -15.38
N GLU A 286 10.16 7.67 -15.53
CA GLU A 286 10.51 7.02 -16.79
C GLU A 286 9.52 7.35 -17.91
N LEU A 287 8.24 7.31 -17.55
CA LEU A 287 7.19 7.63 -18.50
C LEU A 287 7.49 9.04 -19.00
N VAL A 288 7.56 10.00 -18.10
CA VAL A 288 7.89 11.35 -18.52
C VAL A 288 9.07 11.36 -19.49
N ARG A 289 10.11 10.57 -19.20
CA ARG A 289 11.24 10.55 -20.09
C ARG A 289 10.79 10.12 -21.46
N LEU A 290 10.16 8.95 -21.53
CA LEU A 290 9.71 8.45 -22.85
C LEU A 290 8.83 9.50 -23.53
N VAL A 291 7.79 9.96 -22.84
CA VAL A 291 6.93 10.97 -23.42
C VAL A 291 7.75 12.15 -23.94
N LEU A 292 8.85 12.44 -23.26
CA LEU A 292 9.69 13.56 -23.67
C LEU A 292 10.51 13.15 -24.88
N LEU A 293 11.12 11.97 -24.78
CA LEU A 293 11.94 11.46 -25.85
C LEU A 293 11.09 11.30 -27.10
N ARG A 294 9.81 11.05 -26.89
CA ARG A 294 8.86 10.90 -27.98
C ARG A 294 8.84 12.20 -28.77
N LEU A 295 8.55 13.30 -28.09
CA LEU A 295 8.47 14.61 -28.72
C LEU A 295 9.76 15.03 -29.43
N VAL A 296 10.89 14.84 -28.79
CA VAL A 296 12.18 15.23 -29.36
C VAL A 296 12.47 14.47 -30.63
N ASP A 297 11.73 13.39 -30.84
CA ASP A 297 11.90 12.58 -32.02
C ASP A 297 11.10 13.18 -33.17
N GLU A 298 9.86 13.58 -32.91
CA GLU A 298 9.05 14.18 -33.96
C GLU A 298 9.31 15.67 -34.02
N ASN A 299 10.58 16.04 -33.83
CA ASN A 299 11.01 17.44 -33.87
C ASN A 299 10.02 18.42 -33.23
N LEU A 300 9.97 18.44 -31.90
CA LEU A 300 9.05 19.35 -31.19
C LEU A 300 9.69 19.89 -29.91
N LEU A 301 10.76 19.21 -29.50
CA LEU A 301 11.51 19.51 -28.29
C LEU A 301 13.00 19.58 -28.52
N PHE A 302 13.68 20.46 -27.77
CA PHE A 302 15.13 20.61 -27.87
C PHE A 302 15.65 20.53 -29.30
N HIS A 303 15.06 21.31 -30.20
CA HIS A 303 15.49 21.31 -31.60
C HIS A 303 15.81 19.90 -32.09
N GLY A 304 15.03 18.93 -31.61
CA GLY A 304 15.23 17.55 -32.00
C GLY A 304 16.65 17.05 -31.79
N GLU A 305 17.06 16.88 -30.53
CA GLU A 305 18.40 16.34 -30.22
C GLU A 305 18.63 16.22 -28.73
N ALA A 306 18.38 15.03 -28.21
CA ALA A 306 18.54 14.72 -26.81
C ALA A 306 19.98 14.42 -26.42
N SER A 307 20.29 14.51 -25.12
CA SER A 307 21.64 14.23 -24.62
C SER A 307 21.78 12.74 -24.34
N GLU A 308 23.01 12.24 -24.43
CA GLU A 308 23.22 10.82 -24.19
C GLU A 308 22.68 10.45 -22.82
N GLN A 309 22.41 11.47 -22.00
CA GLN A 309 21.88 11.24 -20.67
C GLN A 309 20.37 11.01 -20.77
N LEU A 310 19.64 12.03 -21.22
CA LEU A 310 18.20 11.94 -21.38
C LEU A 310 17.81 10.67 -22.12
N ARG A 311 18.76 10.13 -22.87
CA ARG A 311 18.50 8.92 -23.63
C ARG A 311 18.97 7.72 -22.82
N THR A 312 18.66 7.69 -21.54
CA THR A 312 19.07 6.55 -20.75
C THR A 312 17.96 6.14 -19.82
N ARG A 313 17.76 4.84 -19.67
CA ARG A 313 16.69 4.36 -18.81
C ARG A 313 16.91 4.86 -17.38
N GLY A 314 15.82 5.30 -16.76
CA GLY A 314 15.89 5.81 -15.40
C GLY A 314 16.48 7.20 -15.25
N ALA A 315 17.24 7.65 -16.24
CA ALA A 315 17.87 8.96 -16.19
C ALA A 315 16.99 10.12 -15.74
N PHE A 316 15.69 10.05 -15.98
CA PHE A 316 14.79 11.12 -15.56
C PHE A 316 13.99 10.63 -14.36
N GLU A 317 14.56 10.87 -13.19
CA GLU A 317 13.99 10.46 -11.90
C GLU A 317 12.64 11.07 -11.50
N THR A 318 11.84 10.30 -10.79
CA THR A 318 10.56 10.82 -10.34
C THR A 318 10.84 12.06 -9.51
N ARG A 319 11.79 11.93 -8.60
CA ARG A 319 12.24 13.03 -7.76
C ARG A 319 12.04 14.38 -8.49
N PHE A 320 12.39 14.43 -9.78
CA PHE A 320 12.27 15.65 -10.59
C PHE A 320 10.84 16.07 -10.85
N VAL A 321 10.03 15.13 -11.31
CA VAL A 321 8.64 15.46 -11.59
C VAL A 321 8.00 16.27 -10.43
N SER A 322 8.23 15.83 -9.20
CA SER A 322 7.72 16.48 -7.99
C SER A 322 8.27 17.89 -7.80
N GLN A 323 9.54 18.04 -8.14
CA GLN A 323 10.21 19.31 -8.01
C GLN A 323 9.59 20.23 -9.01
N VAL A 324 9.10 19.66 -10.09
CA VAL A 324 8.51 20.48 -11.11
C VAL A 324 7.13 20.97 -10.65
N GLU A 325 6.17 20.05 -10.52
CA GLU A 325 4.80 20.40 -10.13
C GLU A 325 4.71 21.20 -8.85
N SER A 326 5.67 21.00 -7.95
CA SER A 326 5.68 21.69 -6.66
C SER A 326 5.73 23.21 -6.77
N ASP A 327 6.07 23.71 -7.96
CA ASP A 327 6.13 25.15 -8.20
C ASP A 327 5.89 25.54 -9.65
N THR A 328 4.78 26.22 -9.88
CA THR A 328 4.43 26.64 -11.22
C THR A 328 4.78 28.11 -11.36
N GLY A 329 5.50 28.62 -10.37
CA GLY A 329 5.91 30.01 -10.35
C GLY A 329 7.00 30.34 -11.36
N ASP A 330 8.04 29.52 -11.44
CA ASP A 330 9.11 29.77 -12.40
C ASP A 330 9.74 28.53 -13.00
N ARG A 331 10.63 28.75 -13.97
CA ARG A 331 11.30 27.67 -14.67
C ARG A 331 12.61 27.27 -14.02
N LYS A 332 13.09 28.09 -13.10
CA LYS A 332 14.37 27.81 -12.44
C LYS A 332 14.59 26.34 -12.20
N GLN A 333 13.68 25.73 -11.47
CA GLN A 333 13.80 24.32 -11.19
C GLN A 333 13.83 23.46 -12.47
N ILE A 334 12.89 23.70 -13.38
CA ILE A 334 12.82 22.95 -14.65
C ILE A 334 14.14 23.15 -15.38
N TYR A 335 14.59 24.40 -15.40
CA TYR A 335 15.83 24.72 -16.06
C TYR A 335 16.93 23.79 -15.57
N ASN A 336 17.27 23.92 -14.28
CA ASN A 336 18.34 23.12 -13.66
C ASN A 336 18.22 21.61 -13.91
N ILE A 337 17.04 21.05 -13.72
CA ILE A 337 16.93 19.61 -13.94
C ILE A 337 17.46 19.35 -15.35
N LEU A 338 16.76 19.88 -16.36
CA LEU A 338 17.14 19.72 -17.75
C LEU A 338 18.58 20.17 -17.96
N SER A 339 18.88 21.39 -17.54
CA SER A 339 20.22 21.93 -17.70
C SER A 339 21.24 20.86 -17.32
N THR A 340 21.22 20.44 -16.05
CA THR A 340 22.15 19.45 -15.52
C THR A 340 21.96 18.06 -16.16
N LEU A 341 21.05 17.99 -17.12
CA LEU A 341 20.76 16.76 -17.87
C LEU A 341 21.54 16.76 -19.16
N GLY A 342 22.20 17.88 -19.44
CA GLY A 342 22.99 17.96 -20.65
C GLY A 342 22.19 18.50 -21.82
N LEU A 343 21.31 19.47 -21.56
CA LEU A 343 20.50 20.07 -22.61
C LEU A 343 20.57 21.59 -22.52
N ARG A 344 20.05 22.27 -23.54
CA ARG A 344 20.02 23.74 -23.56
C ARG A 344 18.59 24.21 -23.63
N PRO A 345 17.83 24.06 -22.55
CA PRO A 345 16.42 24.44 -22.44
C PRO A 345 16.04 25.79 -23.03
N SER A 346 14.79 25.88 -23.47
CA SER A 346 14.31 27.11 -24.05
C SER A 346 13.03 27.46 -23.33
N THR A 347 12.80 28.75 -23.19
CA THR A 347 11.58 29.20 -22.56
C THR A 347 10.42 28.28 -22.90
N THR A 348 10.36 27.80 -24.13
CA THR A 348 9.26 26.92 -24.52
C THR A 348 9.51 25.50 -24.06
N ASP A 349 10.72 25.03 -24.34
CA ASP A 349 11.15 23.69 -23.97
C ASP A 349 10.67 23.34 -22.58
N CYS A 350 10.80 24.29 -21.67
CA CYS A 350 10.40 24.07 -20.30
C CYS A 350 8.89 23.82 -20.21
N ASP A 351 8.12 24.77 -20.72
CA ASP A 351 6.67 24.65 -20.71
C ASP A 351 6.27 23.29 -21.28
N ILE A 352 6.97 22.86 -22.32
CA ILE A 352 6.68 21.57 -22.91
C ILE A 352 6.86 20.52 -21.81
N VAL A 353 8.07 20.41 -21.27
CA VAL A 353 8.35 19.45 -20.21
C VAL A 353 7.33 19.54 -19.08
N ARG A 354 7.05 20.76 -18.61
CA ARG A 354 6.07 20.93 -17.54
C ARG A 354 4.83 20.16 -17.96
N ARG A 355 4.27 20.55 -19.10
CA ARG A 355 3.07 19.90 -19.62
C ARG A 355 3.16 18.39 -19.63
N ALA A 356 4.35 17.84 -19.85
CA ALA A 356 4.55 16.38 -19.88
C ALA A 356 4.36 15.81 -18.49
N CYS A 357 5.08 16.39 -17.55
CA CYS A 357 5.00 15.96 -16.16
C CYS A 357 3.57 15.99 -15.66
N GLU A 358 2.93 17.14 -15.77
CA GLU A 358 1.55 17.33 -15.33
C GLU A 358 0.61 16.33 -15.96
N SER A 359 0.83 16.05 -17.23
CA SER A 359 -0.02 15.10 -17.91
C SER A 359 0.22 13.71 -17.30
N VAL A 360 1.48 13.30 -17.23
CA VAL A 360 1.84 11.98 -16.69
C VAL A 360 1.36 11.80 -15.25
N SER A 361 1.64 12.77 -14.39
CA SER A 361 1.26 12.69 -12.98
C SER A 361 -0.25 12.64 -12.80
N THR A 362 -0.94 13.54 -13.49
CA THR A 362 -2.38 13.58 -13.38
C THR A 362 -3.03 12.28 -13.80
N ARG A 363 -2.51 11.68 -14.86
CA ARG A 363 -3.06 10.42 -15.33
C ARG A 363 -2.86 9.41 -14.21
N ALA A 364 -1.65 9.43 -13.63
CA ALA A 364 -1.30 8.54 -12.53
C ALA A 364 -2.24 8.72 -11.35
N ALA A 365 -2.59 9.97 -11.07
CA ALA A 365 -3.49 10.22 -9.97
C ALA A 365 -4.87 9.67 -10.35
N HIS A 366 -5.45 10.19 -11.43
CA HIS A 366 -6.77 9.73 -11.85
C HIS A 366 -6.96 8.22 -11.83
N MET A 367 -6.00 7.49 -12.39
CA MET A 367 -6.10 6.04 -12.39
C MET A 367 -6.20 5.53 -10.96
N CYS A 368 -5.53 6.22 -10.04
CA CYS A 368 -5.55 5.82 -8.64
C CYS A 368 -6.94 6.11 -8.09
N SER A 369 -7.41 7.34 -8.31
CA SER A 369 -8.72 7.78 -7.83
C SER A 369 -9.77 6.73 -8.20
N ALA A 370 -9.70 6.27 -9.44
CA ALA A 370 -10.63 5.26 -9.89
C ALA A 370 -10.77 4.15 -8.84
N GLY A 371 -9.73 3.31 -8.72
CA GLY A 371 -9.73 2.19 -7.78
C GLY A 371 -10.10 2.50 -6.34
N LEU A 372 -9.36 3.40 -5.69
CA LEU A 372 -9.67 3.75 -4.31
C LEU A 372 -11.15 4.03 -4.19
N ALA A 373 -11.72 4.61 -5.25
CA ALA A 373 -13.16 4.94 -5.30
C ALA A 373 -14.02 3.68 -5.33
N GLY A 374 -13.66 2.76 -6.22
CA GLY A 374 -14.41 1.51 -6.32
C GLY A 374 -14.48 0.87 -4.95
N VAL A 375 -13.32 0.81 -4.28
CA VAL A 375 -13.25 0.23 -2.96
C VAL A 375 -14.23 0.95 -2.04
N ILE A 376 -14.15 2.28 -2.05
CA ILE A 376 -15.01 3.11 -1.23
C ILE A 376 -16.47 2.96 -1.62
N ASN A 377 -16.77 3.09 -2.91
CA ASN A 377 -18.16 2.93 -3.34
C ASN A 377 -18.66 1.59 -2.81
N ARG A 378 -18.02 0.52 -3.27
CA ARG A 378 -18.40 -0.82 -2.83
C ARG A 378 -18.61 -0.89 -1.32
N MET A 379 -17.89 -0.07 -0.58
CA MET A 379 -18.03 -0.08 0.87
C MET A 379 -19.28 0.65 1.34
N ARG A 380 -19.74 1.57 0.52
CA ARG A 380 -20.95 2.32 0.82
C ARG A 380 -22.10 1.35 0.63
N GLU A 381 -22.10 0.72 -0.54
CA GLU A 381 -23.14 -0.24 -0.89
C GLU A 381 -23.34 -1.20 0.28
N SER A 382 -22.24 -1.62 0.92
CA SER A 382 -22.34 -2.53 2.04
C SER A 382 -23.25 -2.02 3.15
N ARG A 383 -22.74 -1.11 3.97
CA ARG A 383 -23.54 -0.56 5.06
C ARG A 383 -24.53 0.46 4.52
N SER A 384 -25.63 -0.03 3.94
CA SER A 384 -26.66 0.86 3.39
C SER A 384 -27.04 1.93 4.43
N GLU A 385 -26.86 3.19 4.05
CA GLU A 385 -27.21 4.32 4.92
C GLU A 385 -27.02 5.63 4.18
N ASP A 386 -27.43 6.72 4.83
CA ASP A 386 -27.33 8.04 4.25
C ASP A 386 -25.94 8.28 3.67
N VAL A 387 -25.08 8.94 4.43
CA VAL A 387 -23.73 9.26 4.00
C VAL A 387 -22.69 8.47 4.78
N MET A 388 -21.69 7.95 4.06
CA MET A 388 -20.62 7.17 4.69
C MET A 388 -19.46 8.06 5.11
N ARG A 389 -19.32 8.25 6.42
CA ARG A 389 -18.23 9.06 6.95
C ARG A 389 -17.03 8.14 7.17
N ILE A 390 -16.23 7.94 6.14
CA ILE A 390 -15.07 7.06 6.24
C ILE A 390 -13.76 7.86 6.17
N THR A 391 -12.70 7.31 6.78
CA THR A 391 -11.37 7.92 6.79
C THR A 391 -10.39 7.01 6.09
N VAL A 392 -9.41 7.60 5.43
CA VAL A 392 -8.40 6.83 4.71
C VAL A 392 -6.98 7.11 5.21
N GLY A 393 -6.22 6.06 5.47
CA GLY A 393 -4.85 6.24 5.91
C GLY A 393 -3.95 6.07 4.70
N VAL A 394 -3.11 7.07 4.44
CA VAL A 394 -2.23 6.97 3.30
C VAL A 394 -0.79 7.19 3.67
N ASP A 395 0.10 6.60 2.87
CA ASP A 395 1.54 6.77 3.09
C ASP A 395 2.22 6.54 1.75
N GLY A 396 3.45 7.02 1.62
CA GLY A 396 4.17 6.82 0.38
C GLY A 396 4.86 8.08 -0.09
N SER A 397 5.88 7.90 -0.92
CA SER A 397 6.61 9.04 -1.43
C SER A 397 5.76 9.88 -2.37
N VAL A 398 5.04 9.22 -3.27
CA VAL A 398 4.23 9.96 -4.23
C VAL A 398 3.15 10.83 -3.58
N TYR A 399 2.36 10.20 -2.73
CA TYR A 399 1.31 10.90 -2.03
C TYR A 399 1.88 11.88 -1.00
N LYS A 400 3.17 11.82 -0.74
CA LYS A 400 3.73 12.74 0.24
C LYS A 400 4.70 13.78 -0.30
N LEU A 401 5.08 13.67 -1.57
CA LEU A 401 6.02 14.62 -2.13
C LEU A 401 5.58 15.19 -3.50
N HIS A 402 4.37 14.88 -3.91
CA HIS A 402 3.83 15.38 -5.17
C HIS A 402 2.57 16.17 -4.90
N PRO A 403 2.73 17.46 -4.63
CA PRO A 403 1.59 18.34 -4.33
C PRO A 403 0.48 18.18 -5.33
N SER A 404 0.79 18.46 -6.60
CA SER A 404 -0.19 18.36 -7.68
C SER A 404 -0.85 17.00 -7.63
N PHE A 405 -0.06 15.94 -7.71
CA PHE A 405 -0.63 14.62 -7.64
C PHE A 405 -1.67 14.53 -6.53
N LYS A 406 -1.27 14.84 -5.30
CA LYS A 406 -2.19 14.76 -4.18
C LYS A 406 -3.45 15.58 -4.40
N GLU A 407 -3.29 16.83 -4.83
CA GLU A 407 -4.42 17.73 -5.06
C GLU A 407 -5.44 17.14 -6.05
N ARG A 408 -4.95 16.69 -7.20
CA ARG A 408 -5.83 16.12 -8.20
C ARG A 408 -6.40 14.82 -7.67
N PHE A 409 -5.56 14.03 -7.01
CA PHE A 409 -6.01 12.76 -6.45
C PHE A 409 -7.14 12.92 -5.42
N HIS A 410 -7.06 13.91 -4.54
CA HIS A 410 -8.13 14.07 -3.58
C HIS A 410 -9.43 14.40 -4.27
N ALA A 411 -9.40 15.40 -5.16
CA ALA A 411 -10.61 15.79 -5.90
C ALA A 411 -11.19 14.62 -6.69
N SER A 412 -10.50 14.23 -7.76
CA SER A 412 -10.95 13.11 -8.59
C SER A 412 -11.56 11.97 -7.77
N VAL A 413 -11.17 11.84 -6.51
CA VAL A 413 -11.74 10.79 -5.68
C VAL A 413 -13.08 11.22 -5.14
N ARG A 414 -13.07 12.30 -4.38
CA ARG A 414 -14.30 12.84 -3.81
C ARG A 414 -15.36 13.04 -4.89
N ARG A 415 -14.91 13.28 -6.12
CA ARG A 415 -15.82 13.52 -7.24
C ARG A 415 -16.20 12.22 -7.94
N LEU A 416 -16.24 11.14 -7.18
CA LEU A 416 -16.60 9.82 -7.68
C LEU A 416 -17.20 9.03 -6.54
N THR A 417 -17.31 9.67 -5.38
CA THR A 417 -17.85 9.01 -4.21
C THR A 417 -18.98 9.82 -3.63
N PRO A 418 -20.14 9.81 -4.31
CA PRO A 418 -21.35 10.52 -3.91
C PRO A 418 -21.82 10.08 -2.53
N SER A 419 -22.14 11.04 -1.67
CA SER A 419 -22.62 10.74 -0.31
C SER A 419 -21.63 9.98 0.58
N CYS A 420 -20.36 10.41 0.55
CA CYS A 420 -19.31 9.81 1.34
C CYS A 420 -18.38 10.92 1.82
N GLU A 421 -18.12 10.97 3.13
CA GLU A 421 -17.22 11.98 3.67
C GLU A 421 -15.83 11.32 3.82
N ILE A 422 -14.95 11.57 2.86
CA ILE A 422 -13.61 11.01 2.87
C ILE A 422 -12.57 11.99 3.40
N THR A 423 -12.01 11.66 4.57
CA THR A 423 -10.99 12.49 5.21
C THR A 423 -9.66 11.73 5.14
N PHE A 424 -8.62 12.39 4.64
CA PHE A 424 -7.32 11.74 4.53
C PHE A 424 -6.43 12.04 5.74
N ILE A 425 -5.59 11.07 6.10
CA ILE A 425 -4.68 11.17 7.23
C ILE A 425 -3.44 10.37 6.91
N GLU A 426 -2.30 11.03 6.84
CA GLU A 426 -1.05 10.36 6.53
C GLU A 426 -0.62 9.45 7.68
N SER A 427 0.39 8.62 7.44
CA SER A 427 0.88 7.72 8.48
C SER A 427 1.87 8.49 9.35
N GLU A 428 2.10 7.97 10.55
CA GLU A 428 3.02 8.57 11.52
C GLU A 428 4.42 8.81 10.96
N GLU A 429 5.22 9.54 11.72
CA GLU A 429 6.58 9.90 11.32
C GLU A 429 7.69 8.96 11.79
N GLY A 430 8.41 8.38 10.84
CA GLY A 430 9.51 7.48 11.19
C GLY A 430 9.18 6.08 11.65
N SER A 431 8.77 5.23 10.70
CA SER A 431 8.42 3.81 10.92
C SER A 431 7.77 3.15 9.69
N GLY A 432 7.80 1.82 9.62
CA GLY A 432 7.23 1.10 8.48
C GLY A 432 6.18 0.08 8.84
N ARG A 433 6.48 -1.20 8.70
CA ARG A 433 5.50 -2.27 8.99
C ARG A 433 5.17 -2.56 10.45
N GLY A 434 5.44 -3.81 10.86
CA GLY A 434 5.21 -4.28 12.21
C GLY A 434 5.80 -3.26 13.16
N ALA A 435 6.69 -2.41 12.63
CA ALA A 435 7.31 -1.40 13.43
C ALA A 435 6.35 -0.24 13.70
N ALA A 436 5.87 0.43 12.65
CA ALA A 436 4.95 1.58 12.81
C ALA A 436 3.80 1.17 13.71
N LEU A 437 3.41 -0.08 13.57
CA LEU A 437 2.32 -0.55 14.36
C LEU A 437 2.64 -0.58 15.82
N VAL A 438 3.56 -1.47 16.18
CA VAL A 438 3.97 -1.66 17.57
C VAL A 438 4.30 -0.35 18.24
N SER A 439 4.77 0.59 17.44
CA SER A 439 5.10 1.85 18.03
C SER A 439 3.88 2.70 18.27
N ALA A 440 3.21 3.11 17.19
CA ALA A 440 2.02 3.96 17.26
C ALA A 440 1.09 3.48 18.34
N VAL A 441 1.25 2.21 18.71
CA VAL A 441 0.42 1.65 19.74
C VAL A 441 1.04 1.74 21.12
N ALA A 442 2.35 1.44 21.25
CA ALA A 442 3.03 1.52 22.56
C ALA A 442 2.92 2.95 23.08
N CYS A 443 2.64 3.86 22.15
CA CYS A 443 2.51 5.25 22.47
C CYS A 443 1.09 5.53 22.90
N LYS A 444 0.15 5.00 22.16
CA LYS A 444 -1.26 5.21 22.48
C LYS A 444 -1.62 4.47 23.74
N LYS A 445 -0.70 3.65 24.22
CA LYS A 445 -0.94 2.90 25.43
C LYS A 445 -0.48 3.70 26.65
N ALA A 446 0.65 4.40 26.51
CA ALA A 446 1.20 5.21 27.61
C ALA A 446 0.18 6.19 28.20
N CYS A 447 -0.95 6.35 27.52
CA CYS A 447 -2.03 7.22 27.97
C CYS A 447 -2.98 6.48 28.92
#